data_3GVZ
#
_entry.id   3GVZ
#
_cell.length_a   43.096
_cell.length_b   87.053
_cell.length_c   115.120
_cell.angle_alpha   90.00
_cell.angle_beta   100.82
_cell.angle_gamma   90.00
#
_symmetry.space_group_name_H-M   'P 1 21 1'
#
loop_
_entity.id
_entity.type
_entity.pdbx_description
1 polymer 'Uncharacterized protein CV2077'
2 water water
#
_entity_poly.entity_id   1
_entity_poly.type   'polypeptide(L)'
_entity_poly.pdbx_seq_one_letter_code
;(MSE)NV(MSE)RHSWLAVAGIAGLLAFPPVDACTLWGAAGTAS(MSE)EGSLLAKNRDWKPDHAQSLRLLHPEHGYAYL
GLYADNGSEPGIKAGVNQKGLAVVAAEASSLPRALRADSARHGVLTRLLRDYGSLDEVASAADKLFAQARPVFLLLADAG
GL(MSE)QVEIGQHGRYRLIRQQSGTLAHTNHYADTSLLDGAQTIGPSSQARLERIRFLLDQHPAHTLSEFERLSRDRHD
GPDNSLWRSGREHTLAGWRIALPAGAPPRLQLTLANPGRAERDGDYALDSAFWAQPARTLLPKLAAALEHHHHHH
;
_entity_poly.pdbx_strand_id   A,B
#
# COMPACT_ATOMS: atom_id res chain seq x y z
N CYS A 26 -4.99 -6.97 14.55
CA CYS A 26 -5.62 -5.72 15.05
C CYS A 26 -4.61 -4.64 15.38
N THR A 27 -4.98 -3.41 15.06
CA THR A 27 -4.13 -2.27 15.30
C THR A 27 -4.82 -1.34 16.27
N LEU A 28 -4.15 -1.01 17.36
CA LEU A 28 -4.74 -0.13 18.36
C LEU A 28 -3.86 1.10 18.47
N TRP A 29 -4.46 2.27 18.66
CA TRP A 29 -3.65 3.47 18.82
C TRP A 29 -4.47 4.65 19.29
N GLY A 30 -3.80 5.60 19.92
CA GLY A 30 -4.49 6.76 20.42
C GLY A 30 -3.58 7.90 20.81
N ALA A 31 -4.18 9.09 20.87
CA ALA A 31 -3.48 10.33 21.22
C ALA A 31 -4.17 11.00 22.41
N ALA A 32 -3.38 11.76 23.19
CA ALA A 32 -3.89 12.48 24.36
C ALA A 32 -3.06 13.76 24.53
N GLY A 33 -3.61 14.76 25.21
CA GLY A 33 -2.88 15.99 25.40
C GLY A 33 -2.75 16.82 24.13
N THR A 34 -1.79 17.72 24.11
CA THR A 34 -1.55 18.58 22.95
C THR A 34 -1.38 17.77 21.68
N ALA A 35 -1.51 16.45 21.79
CA ALA A 35 -1.35 15.56 20.65
C ALA A 35 -2.66 15.39 19.90
N SER A 36 -3.71 16.02 20.42
CA SER A 36 -5.04 15.96 19.80
C SER A 36 -5.73 17.32 19.82
N MSE A 37 -6.64 17.53 18.88
CA MSE A 37 -7.37 18.79 18.75
C MSE A 37 -8.84 18.71 19.18
O MSE A 37 -9.60 19.67 19.05
CB MSE A 37 -7.31 19.27 17.29
CG MSE A 37 -5.90 19.56 16.78
SE MSE A 37 -5.84 20.12 14.90
CE MSE A 37 -4.02 19.71 14.46
N GLU A 38 -9.23 17.54 19.69
CA GLU A 38 -10.60 17.28 20.13
C GLU A 38 -10.56 16.35 21.33
N GLY A 39 -9.43 16.29 22.02
CA GLY A 39 -9.33 15.43 23.19
C GLY A 39 -8.80 14.02 23.00
N SER A 40 -8.88 13.20 24.05
CA SER A 40 -8.37 11.85 23.99
C SER A 40 -9.01 11.06 22.87
N LEU A 41 -8.15 10.54 22.01
CA LEU A 41 -8.56 9.73 20.87
C LEU A 41 -8.18 8.28 21.09
N LEU A 42 -9.12 7.37 20.82
CA LEU A 42 -8.88 5.94 20.93
C LEU A 42 -9.36 5.30 19.64
N ALA A 43 -8.48 4.58 18.96
CA ALA A 43 -8.83 3.93 17.70
C ALA A 43 -8.49 2.46 17.72
N LYS A 44 -9.20 1.68 16.93
CA LYS A 44 -8.96 0.25 16.88
C LYS A 44 -9.34 -0.34 15.55
N ASN A 45 -8.44 -1.10 14.95
CA ASN A 45 -8.72 -1.71 13.68
C ASN A 45 -8.87 -3.22 13.92
N ARG A 46 -10.10 -3.71 13.89
CA ARG A 46 -10.34 -5.14 14.12
C ARG A 46 -10.15 -5.96 12.84
N ASP A 47 -9.09 -6.77 12.85
CA ASP A 47 -8.73 -7.65 11.72
C ASP A 47 -8.97 -9.08 12.13
N TRP A 48 -9.55 -9.86 11.22
CA TRP A 48 -9.84 -11.26 11.49
C TRP A 48 -10.31 -11.96 10.20
N LYS A 49 -10.28 -13.29 10.21
CA LYS A 49 -10.72 -14.11 9.08
C LYS A 49 -12.19 -13.73 8.88
N PRO A 50 -12.56 -13.26 7.69
CA PRO A 50 -13.94 -12.85 7.38
C PRO A 50 -14.91 -14.04 7.44
N ASP A 51 -15.14 -14.56 8.64
CA ASP A 51 -16.02 -15.72 8.80
C ASP A 51 -17.14 -15.56 9.84
N HIS A 52 -17.45 -14.32 10.23
CA HIS A 52 -18.49 -14.06 11.21
C HIS A 52 -19.11 -12.68 11.08
N ALA A 53 -20.09 -12.40 11.92
CA ALA A 53 -20.80 -11.11 11.92
C ALA A 53 -20.58 -10.37 13.25
N GLN A 54 -20.45 -9.05 13.17
CA GLN A 54 -20.23 -8.21 14.35
C GLN A 54 -21.41 -7.26 14.54
N SER A 55 -21.53 -6.67 15.72
CA SER A 55 -22.62 -5.73 15.96
C SER A 55 -22.35 -4.76 17.10
N LEU A 56 -22.87 -3.55 16.96
CA LEU A 56 -22.74 -2.52 17.97
C LEU A 56 -23.97 -2.62 18.85
N ARG A 57 -23.75 -2.97 20.11
CA ARG A 57 -24.84 -3.12 21.06
C ARG A 57 -24.67 -2.28 22.31
N LEU A 58 -25.77 -1.70 22.76
CA LEU A 58 -25.82 -0.90 23.97
C LEU A 58 -26.42 -1.84 24.99
N LEU A 59 -25.80 -1.90 26.17
CA LEU A 59 -26.32 -2.77 27.22
C LEU A 59 -26.50 -2.02 28.52
N HIS A 60 -27.59 -2.33 29.22
CA HIS A 60 -27.89 -1.71 30.51
C HIS A 60 -27.80 -2.84 31.51
N PRO A 61 -26.58 -3.16 31.95
CA PRO A 61 -26.35 -4.24 32.92
C PRO A 61 -27.11 -4.01 34.23
N GLU A 62 -27.49 -5.08 34.89
CA GLU A 62 -28.22 -5.00 36.15
C GLU A 62 -27.40 -4.24 37.20
N HIS A 63 -26.10 -4.53 37.27
CA HIS A 63 -25.19 -3.85 38.21
C HIS A 63 -23.95 -3.31 37.52
N GLY A 64 -23.94 -2.00 37.34
CA GLY A 64 -22.83 -1.35 36.68
C GLY A 64 -23.30 -0.24 35.78
N TYR A 65 -22.37 0.33 35.03
CA TYR A 65 -22.70 1.42 34.13
C TYR A 65 -23.20 0.82 32.82
N ALA A 66 -23.94 1.63 32.06
CA ALA A 66 -24.43 1.21 30.76
C ALA A 66 -23.20 1.33 29.86
N TYR A 67 -23.14 0.57 28.78
CA TYR A 67 -22.00 0.65 27.86
C TYR A 67 -22.36 0.17 26.47
N LEU A 68 -21.59 0.67 25.49
CA LEU A 68 -21.75 0.29 24.08
C LEU A 68 -20.74 -0.80 23.86
N GLY A 69 -21.03 -1.72 22.95
CA GLY A 69 -20.07 -2.78 22.70
C GLY A 69 -19.99 -3.16 21.24
N LEU A 70 -18.79 -3.55 20.82
CA LEU A 70 -18.53 -3.99 19.46
C LEU A 70 -18.49 -5.51 19.49
N TYR A 71 -19.65 -6.15 19.58
CA TYR A 71 -19.74 -7.62 19.68
C TYR A 71 -19.47 -8.40 18.40
N ALA A 72 -19.10 -9.66 18.60
CA ALA A 72 -18.86 -10.60 17.51
C ALA A 72 -20.00 -11.63 17.60
N ASP A 73 -21.21 -11.21 17.19
CA ASP A 73 -22.43 -12.01 17.22
C ASP A 73 -22.26 -13.55 17.21
N ASN A 74 -21.34 -14.03 16.38
CA ASN A 74 -21.10 -15.45 16.27
C ASN A 74 -19.65 -15.75 15.97
N GLY A 75 -19.40 -16.85 15.28
CA GLY A 75 -18.05 -17.22 14.95
C GLY A 75 -17.39 -18.09 16.00
N SER A 76 -16.09 -18.25 15.85
CA SER A 76 -15.27 -19.06 16.74
C SER A 76 -15.05 -18.43 18.10
N GLU A 77 -15.04 -17.10 18.14
CA GLU A 77 -14.80 -16.41 19.40
C GLU A 77 -15.71 -15.20 19.67
N PRO A 78 -17.00 -15.45 19.97
CA PRO A 78 -17.97 -14.37 20.24
C PRO A 78 -17.67 -13.60 21.54
N GLY A 79 -18.14 -12.36 21.61
CA GLY A 79 -17.90 -11.58 22.80
C GLY A 79 -17.66 -10.11 22.51
N ILE A 80 -17.29 -9.36 23.53
CA ILE A 80 -17.04 -7.95 23.36
C ILE A 80 -15.63 -7.69 22.88
N LYS A 81 -15.49 -7.07 21.71
CA LYS A 81 -14.17 -6.77 21.17
C LYS A 81 -13.73 -5.36 21.52
N ALA A 82 -14.67 -4.50 21.91
CA ALA A 82 -14.38 -3.10 22.27
C ALA A 82 -15.63 -2.44 22.90
N GLY A 83 -15.45 -1.27 23.52
CA GLY A 83 -16.59 -0.59 24.11
C GLY A 83 -16.26 0.71 24.79
N VAL A 84 -17.26 1.28 25.46
CA VAL A 84 -17.10 2.53 26.20
C VAL A 84 -18.36 2.73 27.05
N ASN A 85 -18.18 3.15 28.29
CA ASN A 85 -19.34 3.33 29.17
C ASN A 85 -19.72 4.78 29.30
N GLN A 86 -20.81 5.01 30.02
CA GLN A 86 -21.37 6.33 30.22
C GLN A 86 -20.42 7.27 30.99
N LYS A 87 -19.55 6.70 31.83
CA LYS A 87 -18.61 7.52 32.56
C LYS A 87 -17.58 8.07 31.61
N GLY A 88 -17.64 7.64 30.36
CA GLY A 88 -16.69 8.12 29.38
C GLY A 88 -15.38 7.35 29.32
N LEU A 89 -15.35 6.12 29.81
CA LEU A 89 -14.14 5.31 29.79
C LEU A 89 -14.21 4.38 28.57
N ALA A 90 -13.20 4.44 27.71
CA ALA A 90 -13.20 3.59 26.53
C ALA A 90 -12.04 2.62 26.55
N VAL A 91 -12.23 1.44 25.97
CA VAL A 91 -11.19 0.40 25.90
C VAL A 91 -11.26 -0.42 24.62
N VAL A 92 -10.10 -0.88 24.16
CA VAL A 92 -9.99 -1.71 22.95
C VAL A 92 -8.96 -2.81 23.23
N ALA A 93 -9.20 -4.00 22.70
CA ALA A 93 -8.29 -5.10 22.94
C ALA A 93 -7.58 -5.63 21.70
N ALA A 94 -6.42 -6.25 21.90
CA ALA A 94 -5.63 -6.87 20.83
C ALA A 94 -5.24 -8.27 21.31
N GLU A 95 -5.42 -9.26 20.43
CA GLU A 95 -5.07 -10.64 20.78
C GLU A 95 -3.55 -10.75 20.88
N ALA A 96 -3.08 -11.56 21.83
CA ALA A 96 -1.64 -11.76 22.01
C ALA A 96 -1.17 -13.03 21.28
N SER A 97 -1.09 -12.92 19.96
CA SER A 97 -0.69 -14.01 19.07
C SER A 97 0.77 -14.44 19.25
N SER A 98 1.58 -13.53 19.79
CA SER A 98 2.98 -13.78 20.06
C SER A 98 3.23 -15.14 20.71
N LEU A 99 2.32 -15.58 21.57
CA LEU A 99 2.50 -16.86 22.24
C LEU A 99 1.46 -17.88 21.82
N PRO A 100 1.81 -19.17 21.89
CA PRO A 100 0.96 -20.31 21.53
C PRO A 100 -0.44 -20.26 22.12
N ARG A 101 -1.42 -20.65 21.31
CA ARG A 101 -2.81 -20.67 21.73
C ARG A 101 -2.92 -21.34 23.09
N ALA A 102 -2.05 -22.31 23.36
CA ALA A 102 -2.07 -23.03 24.62
C ALA A 102 -2.05 -22.11 25.83
N LEU A 103 -1.05 -21.24 25.88
CA LEU A 103 -0.87 -20.28 26.97
C LEU A 103 -1.78 -19.06 26.82
N ARG A 104 -2.26 -18.84 25.59
CA ARG A 104 -3.16 -17.71 25.28
C ARG A 104 -4.53 -17.92 25.91
N GLY A 111 -12.59 -13.40 30.46
CA GLY A 111 -12.26 -12.07 29.97
C GLY A 111 -12.16 -11.03 31.07
N VAL A 112 -12.05 -9.77 30.67
CA VAL A 112 -11.97 -8.65 31.61
C VAL A 112 -12.40 -7.35 30.94
N LEU A 113 -12.67 -7.42 29.64
CA LEU A 113 -13.08 -6.25 28.89
C LEU A 113 -14.44 -5.73 29.34
N THR A 114 -15.26 -6.63 29.87
CA THR A 114 -16.61 -6.31 30.36
C THR A 114 -16.60 -5.77 31.78
N ARG A 115 -15.66 -6.23 32.61
CA ARG A 115 -15.60 -5.72 33.98
C ARG A 115 -15.26 -4.24 33.94
N LEU A 116 -14.31 -3.90 33.08
CA LEU A 116 -13.85 -2.52 32.91
C LEU A 116 -14.98 -1.58 32.54
N LEU A 117 -15.77 -2.01 31.56
CA LEU A 117 -16.89 -1.28 31.04
C LEU A 117 -18.08 -1.15 31.98
N ARG A 118 -18.27 -2.10 32.88
CA ARG A 118 -19.41 -2.01 33.79
C ARG A 118 -19.13 -1.85 35.29
N ASP A 119 -17.88 -1.52 35.66
CA ASP A 119 -17.50 -1.32 37.07
C ASP A 119 -16.48 -0.21 37.28
N TYR A 120 -15.89 0.28 36.21
CA TYR A 120 -14.88 1.32 36.31
C TYR A 120 -15.22 2.52 35.42
N GLY A 121 -15.01 3.72 35.95
CA GLY A 121 -15.33 4.93 35.19
C GLY A 121 -14.21 5.91 34.90
N SER A 122 -12.98 5.51 35.17
CA SER A 122 -11.86 6.38 34.93
C SER A 122 -10.58 5.58 35.00
N LEU A 123 -9.54 6.08 34.36
CA LEU A 123 -8.24 5.41 34.34
C LEU A 123 -7.69 5.23 35.74
N ASP A 124 -7.91 6.23 36.60
CA ASP A 124 -7.43 6.16 37.97
C ASP A 124 -8.14 5.02 38.68
N GLU A 125 -9.43 4.85 38.38
CA GLU A 125 -10.16 3.77 39.01
C GLU A 125 -9.51 2.46 38.66
N VAL A 126 -9.08 2.34 37.40
CA VAL A 126 -8.42 1.14 36.93
C VAL A 126 -6.99 1.02 37.48
N ALA A 127 -6.20 2.10 37.43
CA ALA A 127 -4.83 2.05 37.94
C ALA A 127 -4.80 1.51 39.37
N SER A 128 -5.86 1.73 40.13
CA SER A 128 -5.87 1.20 41.49
C SER A 128 -6.13 -0.30 41.53
N ALA A 129 -7.33 -0.72 41.12
CA ALA A 129 -7.69 -2.12 41.14
C ALA A 129 -7.02 -2.92 40.02
N ALA A 130 -5.91 -2.40 39.51
CA ALA A 130 -5.20 -3.03 38.40
C ALA A 130 -4.38 -4.22 38.82
N ASP A 131 -3.77 -4.11 39.99
CA ASP A 131 -2.93 -5.19 40.47
C ASP A 131 -3.74 -6.41 40.91
N LYS A 132 -4.97 -6.49 40.44
CA LYS A 132 -5.84 -7.61 40.79
C LYS A 132 -6.75 -7.83 39.59
N LEU A 133 -7.22 -6.73 39.00
CA LEU A 133 -8.09 -6.78 37.82
C LEU A 133 -7.35 -7.45 36.67
N PHE A 134 -6.06 -7.13 36.53
CA PHE A 134 -5.21 -7.72 35.49
C PHE A 134 -4.38 -8.88 35.99
N ALA A 135 -4.21 -8.97 37.32
CA ALA A 135 -3.44 -10.04 37.94
C ALA A 135 -4.19 -11.35 37.81
N GLN A 136 -5.41 -11.28 37.30
CA GLN A 136 -6.24 -12.46 37.12
C GLN A 136 -6.87 -12.41 35.76
N ALA A 137 -6.21 -11.74 34.82
CA ALA A 137 -6.76 -11.64 33.47
C ALA A 137 -5.93 -12.43 32.45
N ARG A 138 -6.58 -13.18 31.58
CA ARG A 138 -5.84 -13.97 30.58
C ARG A 138 -4.92 -13.05 29.77
N PRO A 139 -3.90 -13.63 29.13
CA PRO A 139 -3.00 -12.77 28.36
C PRO A 139 -3.77 -11.96 27.30
N VAL A 140 -3.37 -10.71 27.08
CA VAL A 140 -4.04 -9.89 26.10
C VAL A 140 -3.45 -8.47 26.05
N PHE A 141 -3.85 -7.73 25.04
CA PHE A 141 -3.40 -6.37 24.87
C PHE A 141 -4.60 -5.43 25.01
N LEU A 142 -4.46 -4.46 25.92
CA LEU A 142 -5.52 -3.52 26.19
C LEU A 142 -5.05 -2.08 26.00
N LEU A 143 -5.96 -1.24 25.50
CA LEU A 143 -5.67 0.17 25.29
C LEU A 143 -6.89 0.99 25.74
N LEU A 144 -6.89 1.41 26.99
CA LEU A 144 -8.00 2.20 27.54
C LEU A 144 -7.76 3.69 27.37
N ALA A 145 -8.85 4.44 27.39
CA ALA A 145 -8.74 5.88 27.22
C ALA A 145 -9.89 6.58 27.92
N ASP A 146 -9.62 7.79 28.40
CA ASP A 146 -10.62 8.62 29.08
C ASP A 146 -10.21 10.08 28.87
N ALA A 147 -11.14 11.00 29.17
CA ALA A 147 -10.90 12.43 29.02
C ALA A 147 -9.50 12.83 29.49
N GLY A 148 -9.04 12.17 30.55
CA GLY A 148 -7.73 12.46 31.12
C GLY A 148 -6.51 12.05 30.30
N GLY A 149 -6.60 10.90 29.62
CA GLY A 149 -5.49 10.42 28.81
C GLY A 149 -5.67 9.00 28.32
N LEU A 150 -4.56 8.30 28.09
CA LEU A 150 -4.56 6.93 27.61
C LEU A 150 -3.73 6.02 28.51
N MSE A 151 -4.00 4.72 28.40
CA MSE A 151 -3.31 3.73 29.20
C MSE A 151 -3.21 2.41 28.46
O MSE A 151 -4.24 1.85 28.05
CB MSE A 151 -4.04 3.49 30.52
CG MSE A 151 -3.61 2.18 31.18
SE MSE A 151 -4.58 1.77 32.79
CE MSE A 151 -5.86 0.54 32.07
N GLN A 152 -1.99 1.90 28.32
CA GLN A 152 -1.74 0.63 27.64
C GLN A 152 -1.41 -0.46 28.65
N VAL A 153 -2.10 -1.60 28.56
CA VAL A 153 -1.86 -2.70 29.48
C VAL A 153 -1.54 -4.03 28.78
N GLU A 154 -0.34 -4.55 29.02
CA GLU A 154 0.09 -5.82 28.42
C GLU A 154 0.10 -6.94 29.44
N ILE A 155 -0.87 -7.86 29.31
CA ILE A 155 -0.96 -8.99 30.24
C ILE A 155 -0.30 -10.23 29.66
N GLY A 156 0.79 -10.62 30.32
CA GLY A 156 1.54 -11.78 29.89
C GLY A 156 1.07 -13.10 30.45
N GLN A 157 1.97 -14.08 30.42
CA GLN A 157 1.74 -15.46 30.88
C GLN A 157 0.79 -15.61 32.06
N HIS A 158 1.31 -15.37 33.27
CA HIS A 158 0.51 -15.49 34.49
C HIS A 158 0.71 -14.39 35.54
N GLY A 159 -0.17 -13.38 35.48
CA GLY A 159 -0.09 -12.28 36.42
C GLY A 159 0.77 -11.10 35.97
N ARG A 160 1.88 -11.39 35.32
CA ARG A 160 2.81 -10.37 34.82
C ARG A 160 2.13 -9.37 33.87
N TYR A 161 2.25 -8.08 34.16
CA TYR A 161 1.64 -7.07 33.30
C TYR A 161 2.36 -5.75 33.43
N ARG A 162 2.53 -5.06 32.31
CA ARG A 162 3.17 -3.75 32.30
C ARG A 162 2.16 -2.67 31.91
N LEU A 163 2.26 -1.53 32.57
CA LEU A 163 1.38 -0.37 32.34
C LEU A 163 2.12 0.86 31.82
N ILE A 164 1.42 1.63 31.01
CA ILE A 164 1.96 2.85 30.44
C ILE A 164 0.83 3.84 30.35
N ARG A 165 1.05 5.04 30.88
CA ARG A 165 0.03 6.07 30.88
C ARG A 165 0.54 7.34 30.33
N GLN A 166 0.05 7.69 29.16
CA GLN A 166 0.44 8.92 28.51
C GLN A 166 -0.75 9.89 28.65
N GLN A 167 -0.46 11.18 28.79
CA GLN A 167 -1.50 12.20 28.92
C GLN A 167 -1.34 13.30 27.89
N SER A 168 -0.15 13.43 27.34
CA SER A 168 0.07 14.48 26.35
C SER A 168 1.00 13.99 25.24
N GLY A 169 0.56 12.95 24.54
CA GLY A 169 1.32 12.39 23.46
C GLY A 169 0.51 11.33 22.76
N THR A 170 1.20 10.36 22.17
CA THR A 170 0.51 9.30 21.45
C THR A 170 0.88 7.92 21.93
N LEU A 171 0.11 6.93 21.51
CA LEU A 171 0.36 5.56 21.91
C LEU A 171 -0.04 4.66 20.77
N ALA A 172 0.54 3.47 20.71
CA ALA A 172 0.20 2.51 19.65
C ALA A 172 0.66 1.10 20.03
N HIS A 173 -0.11 0.12 19.57
CA HIS A 173 0.18 -1.28 19.86
C HIS A 173 -0.57 -2.17 18.87
N THR A 174 -0.01 -3.35 18.59
CA THR A 174 -0.67 -4.28 17.68
C THR A 174 -0.87 -5.65 18.34
N ASN A 175 -0.26 -6.68 17.79
CA ASN A 175 -0.42 -8.03 18.32
C ASN A 175 0.76 -8.66 19.01
N HIS A 176 1.74 -7.88 19.43
CA HIS A 176 2.87 -8.47 20.14
C HIS A 176 3.35 -7.62 21.32
N TYR A 177 3.87 -8.29 22.34
CA TYR A 177 4.37 -7.61 23.52
C TYR A 177 5.56 -6.70 23.22
N ALA A 178 5.58 -5.54 23.86
CA ALA A 178 6.69 -4.60 23.73
C ALA A 178 7.66 -5.04 24.83
N ASP A 179 7.13 -5.46 25.99
CA ASP A 179 7.97 -5.91 27.09
C ASP A 179 8.03 -7.44 27.16
N THR A 180 9.10 -8.01 26.61
CA THR A 180 9.24 -9.46 26.58
C THR A 180 9.38 -10.05 27.98
N SER A 181 9.63 -9.19 28.97
CA SER A 181 9.80 -9.66 30.34
C SER A 181 8.54 -10.28 30.93
N LEU A 182 7.41 -9.98 30.29
CA LEU A 182 6.10 -10.46 30.72
C LEU A 182 5.76 -11.86 30.21
N LEU A 183 6.76 -12.60 29.71
CA LEU A 183 6.55 -13.96 29.20
C LEU A 183 7.58 -14.97 29.71
N ASP A 184 7.20 -16.25 29.64
CA ASP A 184 8.08 -17.34 30.10
C ASP A 184 9.22 -17.62 29.10
N GLY A 185 9.00 -17.25 27.84
CA GLY A 185 10.00 -17.48 26.82
C GLY A 185 9.86 -16.58 25.61
N ALA A 186 10.89 -16.54 24.76
CA ALA A 186 10.87 -15.73 23.55
C ALA A 186 9.55 -15.89 22.77
N GLN A 187 8.94 -14.77 22.39
CA GLN A 187 7.68 -14.78 21.65
C GLN A 187 7.89 -14.87 20.14
N THR A 188 6.78 -15.03 19.42
CA THR A 188 6.79 -15.14 17.97
C THR A 188 6.05 -13.93 17.41
N ILE A 189 6.79 -13.06 16.75
CA ILE A 189 6.18 -11.88 16.19
C ILE A 189 5.68 -12.18 14.78
N GLY A 190 4.40 -11.93 14.55
CA GLY A 190 3.83 -12.17 13.24
C GLY A 190 4.26 -11.08 12.27
N PRO A 191 4.41 -11.41 10.98
CA PRO A 191 4.84 -10.40 10.00
C PRO A 191 3.90 -9.21 9.90
N SER A 192 2.61 -9.44 10.07
CA SER A 192 1.64 -8.34 9.99
C SER A 192 1.71 -7.47 11.23
N SER A 193 1.82 -8.10 12.40
CA SER A 193 1.90 -7.35 13.64
C SER A 193 3.12 -6.45 13.62
N GLN A 194 4.16 -6.94 12.96
CA GLN A 194 5.40 -6.19 12.84
C GLN A 194 5.16 -5.01 11.93
N ALA A 195 4.85 -5.31 10.67
CA ALA A 195 4.62 -4.26 9.69
C ALA A 195 3.58 -3.23 10.15
N ARG A 196 2.43 -3.68 10.62
CA ARG A 196 1.37 -2.77 11.07
C ARG A 196 1.83 -1.83 12.20
N LEU A 197 2.64 -2.35 13.10
CA LEU A 197 3.13 -1.53 14.18
C LEU A 197 4.02 -0.43 13.60
N GLU A 198 4.88 -0.78 12.66
CA GLU A 198 5.77 0.23 12.07
C GLU A 198 5.04 1.24 11.17
N ARG A 199 3.82 0.93 10.75
CA ARG A 199 3.08 1.85 9.91
C ARG A 199 2.35 2.92 10.69
N ILE A 200 1.53 2.54 11.67
CA ILE A 200 0.83 3.55 12.45
C ILE A 200 1.79 4.35 13.31
N ARG A 201 2.98 3.79 13.53
CA ARG A 201 3.99 4.47 14.32
C ARG A 201 4.55 5.60 13.49
N PHE A 202 4.88 5.27 12.24
CA PHE A 202 5.42 6.25 11.29
C PHE A 202 4.42 7.37 11.00
N LEU A 203 3.27 6.98 10.46
CA LEU A 203 2.21 7.91 10.10
C LEU A 203 1.85 8.88 11.23
N LEU A 204 1.82 8.36 12.45
CA LEU A 204 1.51 9.14 13.62
C LEU A 204 2.62 10.14 13.95
N ASP A 205 3.87 9.72 13.76
CA ASP A 205 5.00 10.59 14.07
C ASP A 205 5.18 11.76 13.12
N GLN A 206 4.34 11.85 12.09
CA GLN A 206 4.44 12.96 11.16
C GLN A 206 4.00 14.30 11.76
N HIS A 207 2.78 14.34 12.28
CA HIS A 207 2.26 15.58 12.85
C HIS A 207 2.33 15.62 14.37
N PRO A 208 2.29 16.82 14.97
CA PRO A 208 2.35 16.91 16.42
C PRO A 208 1.03 16.51 17.08
N ALA A 209 -0.06 17.07 16.56
CA ALA A 209 -1.41 16.83 17.07
C ALA A 209 -2.23 15.99 16.08
N HIS A 210 -3.33 15.40 16.53
CA HIS A 210 -4.14 14.60 15.63
C HIS A 210 -5.63 14.85 15.82
N THR A 211 -6.44 14.32 14.90
CA THR A 211 -7.89 14.50 14.94
C THR A 211 -8.58 13.20 14.59
N LEU A 212 -9.91 13.18 14.75
CA LEU A 212 -10.73 12.00 14.44
C LEU A 212 -10.73 11.76 12.94
N SER A 213 -10.95 12.85 12.20
CA SER A 213 -10.97 12.82 10.74
C SER A 213 -9.68 12.18 10.23
N GLU A 214 -8.56 12.62 10.79
CA GLU A 214 -7.28 12.07 10.37
C GLU A 214 -7.25 10.56 10.58
N PHE A 215 -7.46 10.13 11.82
CA PHE A 215 -7.44 8.71 12.17
C PHE A 215 -8.26 7.88 11.18
N GLU A 216 -9.49 8.29 10.93
CA GLU A 216 -10.37 7.60 9.98
C GLU A 216 -9.61 7.35 8.68
N ARG A 217 -8.85 8.35 8.23
CA ARG A 217 -8.09 8.19 7.00
C ARG A 217 -7.00 7.17 7.24
N LEU A 218 -6.38 7.25 8.42
CA LEU A 218 -5.30 6.34 8.80
C LEU A 218 -5.73 4.89 8.79
N SER A 219 -6.89 4.59 9.37
CA SER A 219 -7.33 3.20 9.42
C SER A 219 -7.56 2.59 8.05
N ARG A 220 -7.66 3.41 7.01
CA ARG A 220 -7.90 2.87 5.68
C ARG A 220 -6.62 2.79 4.82
N ASP A 221 -5.47 2.97 5.45
CA ASP A 221 -4.21 2.89 4.74
C ASP A 221 -4.05 1.49 4.14
N ARG A 222 -3.73 1.41 2.86
CA ARG A 222 -3.54 0.13 2.15
C ARG A 222 -2.08 -0.03 1.71
N HIS A 223 -1.16 0.39 2.56
CA HIS A 223 0.27 0.30 2.30
C HIS A 223 0.73 -1.13 2.63
N ASP A 224 1.65 -1.66 1.83
CA ASP A 224 2.19 -3.00 2.09
C ASP A 224 1.22 -4.17 1.95
N GLY A 225 0.84 -4.46 0.71
CA GLY A 225 -0.03 -5.58 0.42
C GLY A 225 -1.31 -5.67 1.23
N PRO A 226 -2.05 -6.78 1.08
CA PRO A 226 -3.31 -7.10 1.72
C PRO A 226 -3.24 -7.75 3.09
N ASP A 227 -2.04 -8.09 3.54
CA ASP A 227 -1.90 -8.74 4.85
C ASP A 227 -1.13 -7.92 5.85
N ASN A 228 -0.19 -7.12 5.36
CA ASN A 228 0.63 -6.32 6.25
C ASN A 228 0.16 -4.88 6.35
N SER A 229 -1.05 -4.61 5.85
CA SER A 229 -1.54 -3.24 5.91
C SER A 229 -2.48 -3.01 7.08
N LEU A 230 -2.67 -1.74 7.44
CA LEU A 230 -3.56 -1.39 8.53
C LEU A 230 -4.96 -1.91 8.19
N TRP A 231 -5.37 -1.67 6.95
CA TRP A 231 -6.67 -2.13 6.47
C TRP A 231 -6.40 -3.37 5.63
N ARG A 232 -6.30 -4.51 6.30
CA ARG A 232 -6.03 -5.80 5.68
C ARG A 232 -7.15 -6.27 4.75
N SER A 233 -6.80 -7.17 3.83
CA SER A 233 -7.78 -7.74 2.91
C SER A 233 -7.27 -9.03 2.30
N GLY A 234 -6.51 -9.79 3.08
CA GLY A 234 -5.97 -11.05 2.59
C GLY A 234 -6.56 -12.21 3.38
N ARG A 235 -5.70 -12.86 4.16
CA ARG A 235 -6.11 -13.99 4.99
C ARG A 235 -7.04 -13.42 6.05
N GLU A 236 -6.79 -12.16 6.39
CA GLU A 236 -7.58 -11.45 7.37
C GLU A 236 -8.06 -10.12 6.83
N HIS A 237 -9.33 -9.81 7.03
CA HIS A 237 -9.87 -8.54 6.57
C HIS A 237 -10.14 -7.65 7.78
N THR A 238 -10.12 -6.33 7.59
CA THR A 238 -10.42 -5.44 8.70
C THR A 238 -11.94 -5.40 8.73
N LEU A 239 -12.53 -6.08 9.72
CA LEU A 239 -13.98 -6.17 9.82
C LEU A 239 -14.68 -4.97 10.43
N ALA A 240 -13.90 -4.00 10.93
CA ALA A 240 -14.49 -2.83 11.52
C ALA A 240 -13.42 -1.82 11.79
N GLY A 241 -13.81 -0.55 11.89
CA GLY A 241 -12.85 0.49 12.21
C GLY A 241 -13.45 1.25 13.37
N TRP A 242 -12.79 1.26 14.51
CA TRP A 242 -13.31 1.96 15.70
C TRP A 242 -12.47 3.20 16.04
N ARG A 243 -13.15 4.30 16.31
CA ARG A 243 -12.49 5.55 16.66
C ARG A 243 -13.42 6.37 17.55
N ILE A 244 -12.90 6.94 18.63
CA ILE A 244 -13.71 7.74 19.54
C ILE A 244 -12.93 8.95 20.04
N ALA A 245 -13.63 10.08 20.28
CA ALA A 245 -13.00 11.30 20.80
C ALA A 245 -13.61 11.57 22.17
N LEU A 246 -12.81 11.93 23.15
CA LEU A 246 -13.35 12.18 24.49
C LEU A 246 -12.94 13.55 25.04
N PRO A 247 -13.63 14.60 24.59
CA PRO A 247 -13.34 15.96 25.06
C PRO A 247 -13.85 16.16 26.48
N ALA A 248 -13.07 16.84 27.32
CA ALA A 248 -13.48 17.07 28.68
C ALA A 248 -14.74 17.93 28.80
N GLY A 249 -15.60 17.53 29.72
CA GLY A 249 -16.85 18.24 29.97
C GLY A 249 -17.78 18.33 28.78
N ALA A 250 -17.77 17.28 27.96
CA ALA A 250 -18.62 17.25 26.79
C ALA A 250 -18.88 15.82 26.43
N PRO A 251 -20.00 15.57 25.74
CA PRO A 251 -20.38 14.21 25.31
C PRO A 251 -19.31 13.57 24.44
N PRO A 252 -19.04 12.27 24.67
CA PRO A 252 -18.04 11.56 23.88
C PRO A 252 -18.59 11.36 22.47
N ARG A 253 -17.72 11.36 21.46
CA ARG A 253 -18.20 11.13 20.09
C ARG A 253 -17.63 9.83 19.51
N LEU A 254 -18.51 8.91 19.13
CA LEU A 254 -18.10 7.63 18.58
C LEU A 254 -18.37 7.44 17.09
N GLN A 255 -17.38 6.96 16.35
CA GLN A 255 -17.58 6.67 14.94
C GLN A 255 -17.09 5.25 14.72
N LEU A 256 -17.91 4.44 14.05
CA LEU A 256 -17.56 3.04 13.77
C LEU A 256 -17.89 2.62 12.34
N THR A 257 -16.98 1.88 11.71
CA THR A 257 -17.23 1.40 10.37
C THR A 257 -17.34 -0.13 10.37
N LEU A 258 -18.55 -0.67 10.25
CA LEU A 258 -18.72 -2.11 10.23
C LEU A 258 -18.62 -2.70 8.83
N ALA A 259 -17.81 -3.74 8.70
CA ALA A 259 -17.64 -4.41 7.43
C ALA A 259 -17.83 -5.91 7.66
N ASN A 260 -19.09 -6.33 7.74
CA ASN A 260 -19.37 -7.74 7.91
C ASN A 260 -19.29 -8.36 6.53
N PRO A 261 -18.58 -9.47 6.39
CA PRO A 261 -18.42 -10.16 5.12
C PRO A 261 -19.76 -10.47 4.45
N GLY A 262 -19.86 -10.17 3.16
CA GLY A 262 -21.09 -10.44 2.44
C GLY A 262 -22.01 -9.23 2.40
N ARG A 263 -22.03 -8.45 3.48
CA ARG A 263 -22.87 -7.26 3.55
C ARG A 263 -22.08 -6.04 3.05
N ALA A 264 -22.77 -4.93 2.86
CA ALA A 264 -22.10 -3.72 2.42
C ALA A 264 -21.62 -3.00 3.68
N GLU A 265 -20.75 -2.02 3.49
CA GLU A 265 -20.24 -1.27 4.63
C GLU A 265 -21.31 -0.40 5.29
N ARG A 266 -21.34 -0.39 6.63
CA ARG A 266 -22.29 0.44 7.38
C ARG A 266 -21.47 1.30 8.34
N ASP A 267 -21.79 2.59 8.43
CA ASP A 267 -21.05 3.49 9.30
C ASP A 267 -21.83 4.14 10.44
N GLY A 268 -21.23 4.12 11.62
CA GLY A 268 -21.88 4.69 12.78
C GLY A 268 -21.26 5.97 13.28
N ASP A 269 -22.11 6.90 13.70
CA ASP A 269 -21.67 8.18 14.24
C ASP A 269 -22.60 8.59 15.36
N TYR A 270 -22.17 8.41 16.60
CA TYR A 270 -23.00 8.76 17.75
C TYR A 270 -22.39 9.75 18.74
N ALA A 271 -23.25 10.36 19.56
CA ALA A 271 -22.84 11.28 20.60
C ALA A 271 -23.34 10.69 21.92
N LEU A 272 -22.42 10.10 22.69
CA LEU A 272 -22.76 9.49 23.96
C LEU A 272 -23.15 10.50 25.03
N ASP A 273 -24.30 11.14 24.87
CA ASP A 273 -24.80 12.10 25.86
C ASP A 273 -25.80 11.40 26.78
N SER A 274 -26.34 12.14 27.74
CA SER A 274 -27.29 11.60 28.71
C SER A 274 -28.43 10.88 28.04
N ALA A 275 -28.94 11.50 26.99
CA ALA A 275 -30.02 10.98 26.19
C ALA A 275 -29.63 9.65 25.55
N PHE A 276 -28.49 9.64 24.85
CA PHE A 276 -28.03 8.43 24.19
C PHE A 276 -28.13 7.22 25.11
N TRP A 277 -27.49 7.34 26.28
CA TRP A 277 -27.44 6.29 27.28
C TRP A 277 -28.79 5.97 27.89
N ALA A 278 -29.74 6.87 27.71
CA ALA A 278 -31.06 6.63 28.26
C ALA A 278 -31.87 5.71 27.37
N GLN A 279 -31.54 5.66 26.08
CA GLN A 279 -32.31 4.80 25.18
C GLN A 279 -32.19 3.33 25.61
N PRO A 280 -33.17 2.50 25.24
CA PRO A 280 -33.19 1.08 25.59
C PRO A 280 -32.04 0.31 24.99
N ALA A 281 -31.67 -0.77 25.66
CA ALA A 281 -30.58 -1.61 25.17
C ALA A 281 -31.01 -2.31 23.89
N ARG A 282 -30.22 -2.16 22.84
CA ARG A 282 -30.56 -2.79 21.57
C ARG A 282 -29.41 -2.64 20.58
N THR A 283 -29.49 -3.34 19.45
CA THR A 283 -28.43 -3.24 18.46
C THR A 283 -28.53 -1.94 17.69
N LEU A 284 -27.41 -1.24 17.52
CA LEU A 284 -27.39 0.02 16.79
C LEU A 284 -26.53 -0.08 15.52
N LEU A 285 -26.16 -1.31 15.14
CA LEU A 285 -25.34 -1.51 13.96
C LEU A 285 -25.15 -3.00 13.76
N PRO A 286 -25.60 -3.54 12.62
CA PRO A 286 -26.27 -2.78 11.57
C PRO A 286 -27.73 -2.54 11.95
N LYS A 287 -28.29 -1.44 11.45
CA LYS A 287 -29.67 -1.06 11.74
C LYS A 287 -30.62 -2.22 11.51
N CYS B 26 0.52 0.05 -16.91
CA CYS B 26 2.01 0.11 -16.95
C CYS B 26 2.55 1.44 -16.47
N THR B 27 3.66 1.37 -15.76
CA THR B 27 4.29 2.55 -15.22
C THR B 27 5.67 2.67 -15.84
N LEU B 28 5.95 3.83 -16.42
CA LEU B 28 7.25 4.04 -17.05
C LEU B 28 7.92 5.20 -16.36
N TRP B 29 9.24 5.13 -16.17
CA TRP B 29 9.92 6.26 -15.55
C TRP B 29 11.43 6.14 -15.67
N GLY B 30 12.10 7.28 -15.61
CA GLY B 30 13.54 7.27 -15.71
C GLY B 30 14.20 8.55 -15.29
N ALA B 31 15.48 8.46 -14.98
CA ALA B 31 16.31 9.57 -14.54
C ALA B 31 17.52 9.73 -15.46
N ALA B 32 18.02 10.96 -15.55
CA ALA B 32 19.19 11.27 -16.38
C ALA B 32 19.95 12.42 -15.73
N GLY B 33 21.24 12.55 -16.02
CA GLY B 33 22.01 13.63 -15.43
C GLY B 33 22.29 13.45 -13.95
N THR B 34 22.58 14.54 -13.25
CA THR B 34 22.87 14.50 -11.82
C THR B 34 21.75 13.85 -11.04
N ALA B 35 20.74 13.37 -11.76
CA ALA B 35 19.58 12.72 -11.14
C ALA B 35 19.83 11.23 -10.96
N SER B 36 20.99 10.78 -11.40
CA SER B 36 21.37 9.37 -11.29
C SER B 36 22.84 9.22 -10.90
N MSE B 37 23.16 8.10 -10.26
CA MSE B 37 24.53 7.81 -9.81
C MSE B 37 25.25 6.74 -10.64
O MSE B 37 26.37 6.34 -10.31
CB MSE B 37 24.48 7.38 -8.34
CG MSE B 37 23.93 8.44 -7.38
SE MSE B 37 23.89 7.85 -5.52
CE MSE B 37 22.56 9.03 -4.79
N GLU B 38 24.58 6.27 -11.68
CA GLU B 38 25.10 5.23 -12.56
C GLU B 38 24.63 5.49 -13.98
N GLY B 39 24.28 6.73 -14.28
CA GLY B 39 23.84 7.06 -15.63
C GLY B 39 22.35 7.00 -15.93
N SER B 40 22.00 7.16 -17.20
CA SER B 40 20.61 7.12 -17.62
C SER B 40 19.92 5.85 -17.18
N LEU B 41 18.83 6.05 -16.43
CA LEU B 41 18.03 4.94 -15.94
C LEU B 41 16.68 4.91 -16.65
N LEU B 42 16.28 3.72 -17.08
CA LEU B 42 15.00 3.54 -17.74
C LEU B 42 14.32 2.36 -17.06
N ALA B 43 13.10 2.58 -16.56
CA ALA B 43 12.35 1.54 -15.86
C ALA B 43 10.95 1.38 -16.42
N LYS B 44 10.41 0.18 -16.30
CA LYS B 44 9.08 -0.07 -16.83
C LYS B 44 8.39 -1.16 -16.05
N ASN B 45 7.16 -0.89 -15.61
CA ASN B 45 6.40 -1.88 -14.88
C ASN B 45 5.27 -2.36 -15.80
N ARG B 46 5.40 -3.57 -16.35
CA ARG B 46 4.38 -4.11 -17.23
C ARG B 46 3.22 -4.75 -16.46
N ASP B 47 2.06 -4.10 -16.52
CA ASP B 47 0.84 -4.56 -15.84
C ASP B 47 -0.16 -5.03 -16.88
N TRP B 48 -0.80 -6.15 -16.60
CA TRP B 48 -1.77 -6.72 -17.54
C TRP B 48 -2.51 -7.89 -16.88
N LYS B 49 -3.64 -8.28 -17.46
CA LYS B 49 -4.44 -9.40 -16.98
C LYS B 49 -3.51 -10.59 -17.07
N PRO B 50 -3.29 -11.31 -15.95
CA PRO B 50 -2.41 -12.47 -15.89
C PRO B 50 -2.95 -13.63 -16.74
N ASP B 51 -2.96 -13.46 -18.05
CA ASP B 51 -3.48 -14.49 -18.95
C ASP B 51 -2.55 -14.93 -20.08
N HIS B 52 -1.25 -14.64 -19.95
CA HIS B 52 -0.27 -15.00 -20.97
C HIS B 52 1.14 -15.15 -20.44
N ALA B 53 2.07 -15.53 -21.31
CA ALA B 53 3.47 -15.73 -20.94
C ALA B 53 4.39 -14.75 -21.68
N GLN B 54 5.42 -14.27 -21.00
CA GLN B 54 6.36 -13.31 -21.58
C GLN B 54 7.74 -13.92 -21.65
N SER B 55 8.64 -13.31 -22.42
CA SER B 55 9.99 -13.84 -22.52
C SER B 55 11.01 -12.81 -22.99
N LEU B 56 12.23 -12.94 -22.49
CA LEU B 56 13.32 -12.06 -22.86
C LEU B 56 14.06 -12.76 -24.01
N ARG B 57 14.01 -12.14 -25.18
CA ARG B 57 14.66 -12.69 -26.35
C ARG B 57 15.64 -11.73 -27.00
N LEU B 58 16.77 -12.28 -27.45
CA LEU B 58 17.80 -11.53 -28.13
C LEU B 58 17.58 -11.87 -29.59
N LEU B 59 17.57 -10.86 -30.44
CA LEU B 59 17.37 -11.11 -31.86
C LEU B 59 18.46 -10.45 -32.71
N HIS B 60 18.90 -11.17 -33.74
CA HIS B 60 19.91 -10.66 -34.65
C HIS B 60 19.19 -10.50 -35.98
N PRO B 61 18.50 -9.36 -36.15
CA PRO B 61 17.76 -9.07 -37.39
C PRO B 61 18.68 -9.07 -38.61
N GLU B 62 18.13 -9.42 -39.76
CA GLU B 62 18.89 -9.47 -41.01
C GLU B 62 19.46 -8.08 -41.34
N HIS B 63 18.64 -7.05 -41.16
CA HIS B 63 19.07 -5.66 -41.39
C HIS B 63 18.77 -4.76 -40.22
N GLY B 64 19.82 -4.42 -39.49
CA GLY B 64 19.68 -3.56 -38.33
C GLY B 64 20.58 -4.03 -37.21
N TYR B 65 20.43 -3.39 -36.05
CA TYR B 65 21.22 -3.73 -34.90
C TYR B 65 20.59 -4.91 -34.18
N ALA B 66 21.38 -5.62 -33.40
CA ALA B 66 20.90 -6.74 -32.61
C ALA B 66 20.18 -6.05 -31.43
N TYR B 67 19.19 -6.70 -30.83
CA TYR B 67 18.48 -6.13 -29.69
C TYR B 67 17.85 -7.19 -28.80
N LEU B 68 17.63 -6.83 -27.54
CA LEU B 68 16.99 -7.69 -26.55
C LEU B 68 15.54 -7.27 -26.57
N GLY B 69 14.64 -8.19 -26.26
CA GLY B 69 13.24 -7.83 -26.26
C GLY B 69 12.47 -8.51 -25.16
N LEU B 70 11.47 -7.80 -24.63
CA LEU B 70 10.60 -8.32 -23.58
C LEU B 70 9.30 -8.74 -24.28
N TYR B 71 9.32 -9.87 -24.98
CA TYR B 71 8.15 -10.36 -25.72
C TYR B 71 7.01 -10.94 -24.89
N ALA B 72 5.83 -10.95 -25.51
CA ALA B 72 4.63 -11.50 -24.93
C ALA B 72 4.30 -12.73 -25.80
N ASP B 73 5.08 -13.79 -25.60
CA ASP B 73 4.96 -15.07 -26.32
C ASP B 73 3.59 -15.39 -26.93
N ASN B 74 2.52 -15.14 -26.18
CA ASN B 74 1.19 -15.44 -26.64
C ASN B 74 0.19 -14.41 -26.11
N GLY B 75 -1.04 -14.85 -25.93
CA GLY B 75 -2.06 -13.97 -25.43
C GLY B 75 -2.80 -13.23 -26.52
N SER B 76 -3.57 -12.23 -26.10
CA SER B 76 -4.38 -11.40 -26.98
C SER B 76 -3.57 -10.42 -27.80
N GLU B 77 -2.44 -9.99 -27.26
CA GLU B 77 -1.60 -9.02 -27.95
C GLU B 77 -0.09 -9.30 -27.91
N PRO B 78 0.38 -10.32 -28.63
CA PRO B 78 1.79 -10.69 -28.67
C PRO B 78 2.67 -9.64 -29.35
N GLY B 79 3.95 -9.61 -28.99
CA GLY B 79 4.85 -8.66 -29.60
C GLY B 79 5.89 -8.14 -28.64
N ILE B 80 6.65 -7.13 -29.08
CA ILE B 80 7.67 -6.57 -28.24
C ILE B 80 7.11 -5.49 -27.31
N LYS B 81 7.25 -5.71 -26.01
CA LYS B 81 6.76 -4.74 -25.02
C LYS B 81 7.84 -3.78 -24.58
N ALA B 82 9.11 -4.14 -24.80
CA ALA B 82 10.26 -3.30 -24.43
C ALA B 82 11.55 -3.88 -25.02
N GLY B 83 12.63 -3.09 -24.98
CA GLY B 83 13.90 -3.59 -25.51
C GLY B 83 15.04 -2.60 -25.43
N VAL B 84 16.16 -2.98 -26.02
CA VAL B 84 17.36 -2.14 -26.07
C VAL B 84 18.33 -2.77 -27.06
N ASN B 85 18.97 -1.95 -27.89
CA ASN B 85 19.89 -2.47 -28.88
C ASN B 85 21.34 -2.30 -28.45
N GLN B 86 22.22 -2.82 -29.29
CA GLN B 86 23.65 -2.80 -29.03
C GLN B 86 24.22 -1.38 -28.99
N LYS B 87 23.60 -0.46 -29.73
CA LYS B 87 24.07 0.92 -29.72
C LYS B 87 23.79 1.54 -28.38
N GLY B 88 23.10 0.80 -27.52
CA GLY B 88 22.78 1.32 -26.20
C GLY B 88 21.52 2.17 -26.11
N LEU B 89 20.62 2.03 -27.07
CA LEU B 89 19.37 2.79 -27.06
C LEU B 89 18.28 1.91 -26.45
N ALA B 90 17.62 2.40 -25.41
CA ALA B 90 16.56 1.61 -24.78
C ALA B 90 15.23 2.32 -24.88
N VAL B 91 14.15 1.54 -24.97
CA VAL B 91 12.78 2.07 -25.07
C VAL B 91 11.76 1.18 -24.36
N VAL B 92 10.71 1.81 -23.84
CA VAL B 92 9.62 1.12 -23.15
C VAL B 92 8.32 1.77 -23.57
N ALA B 93 7.26 0.98 -23.70
CA ALA B 93 5.97 1.51 -24.14
C ALA B 93 4.85 1.39 -23.13
N ALA B 94 3.86 2.27 -23.24
CA ALA B 94 2.68 2.28 -22.38
C ALA B 94 1.45 2.39 -23.29
N GLU B 95 0.44 1.56 -23.03
CA GLU B 95 -0.77 1.58 -23.84
C GLU B 95 -1.53 2.86 -23.55
N ALA B 96 -2.16 3.45 -24.57
CA ALA B 96 -2.93 4.68 -24.40
C ALA B 96 -4.42 4.36 -24.19
N SER B 97 -4.74 3.87 -22.99
CA SER B 97 -6.10 3.49 -22.61
C SER B 97 -7.06 4.66 -22.56
N SER B 98 -6.52 5.85 -22.38
CA SER B 98 -7.31 7.08 -22.31
C SER B 98 -8.38 7.16 -23.40
N LEU B 99 -8.09 6.63 -24.59
CA LEU B 99 -9.06 6.68 -25.66
C LEU B 99 -9.56 5.30 -26.07
N PRO B 100 -10.79 5.24 -26.59
CA PRO B 100 -11.46 4.01 -27.03
C PRO B 100 -10.62 3.11 -27.91
N ARG B 101 -10.74 1.81 -27.66
CA ARG B 101 -10.00 0.81 -28.43
C ARG B 101 -10.12 1.11 -29.91
N ALA B 102 -11.26 1.66 -30.31
CA ALA B 102 -11.51 1.98 -31.71
C ALA B 102 -10.39 2.80 -32.32
N LEU B 103 -10.11 3.94 -31.70
CA LEU B 103 -9.07 4.87 -32.15
C LEU B 103 -7.66 4.41 -31.76
N ARG B 104 -7.60 3.53 -30.74
CA ARG B 104 -6.33 2.99 -30.24
C ARG B 104 -5.71 2.04 -31.26
N GLY B 111 3.06 -1.36 -35.43
CA GLY B 111 3.89 -0.88 -34.34
C GLY B 111 5.05 -0.02 -34.78
N VAL B 112 5.95 0.30 -33.85
CA VAL B 112 7.12 1.12 -34.12
C VAL B 112 8.23 0.85 -33.11
N LEU B 113 7.92 0.03 -32.12
CA LEU B 113 8.89 -0.29 -31.08
C LEU B 113 10.07 -1.08 -31.63
N THR B 114 9.84 -1.80 -32.71
CA THR B 114 10.85 -2.63 -33.36
C THR B 114 11.71 -1.82 -34.32
N ARG B 115 11.13 -0.82 -34.98
CA ARG B 115 11.92 -0.01 -35.90
C ARG B 115 13.01 0.71 -35.12
N LEU B 116 12.62 1.24 -33.97
CA LEU B 116 13.52 1.98 -33.09
C LEU B 116 14.72 1.17 -32.66
N LEU B 117 14.43 -0.06 -32.26
CA LEU B 117 15.43 -1.01 -31.80
C LEU B 117 16.36 -1.57 -32.89
N ARG B 118 15.88 -1.63 -34.13
CA ARG B 118 16.74 -2.16 -35.18
C ARG B 118 17.17 -1.22 -36.30
N ASP B 119 16.97 0.10 -36.12
CA ASP B 119 17.36 1.10 -37.13
C ASP B 119 17.90 2.40 -36.54
N TYR B 120 17.74 2.58 -35.23
CA TYR B 120 18.19 3.80 -34.57
C TYR B 120 19.10 3.48 -33.40
N GLY B 121 20.18 4.26 -33.24
CA GLY B 121 21.12 4.02 -32.16
C GLY B 121 21.37 5.15 -31.17
N SER B 122 20.54 6.19 -31.23
CA SER B 122 20.69 7.30 -30.32
C SER B 122 19.46 8.16 -30.39
N LEU B 123 19.23 8.91 -29.32
CA LEU B 123 18.06 9.79 -29.23
C LEU B 123 18.06 10.83 -30.34
N ASP B 124 19.25 11.32 -30.70
CA ASP B 124 19.34 12.31 -31.76
C ASP B 124 18.91 11.67 -33.06
N GLU B 125 19.30 10.41 -33.26
CA GLU B 125 18.90 9.73 -34.48
C GLU B 125 17.39 9.72 -34.57
N VAL B 126 16.73 9.50 -33.43
CA VAL B 126 15.29 9.47 -33.37
C VAL B 126 14.69 10.89 -33.49
N ALA B 127 15.22 11.87 -32.75
CA ALA B 127 14.70 13.23 -32.82
C ALA B 127 14.63 13.71 -34.26
N SER B 128 15.52 13.22 -35.10
CA SER B 128 15.48 13.64 -36.50
C SER B 128 14.34 12.98 -37.27
N ALA B 129 14.41 11.66 -37.45
CA ALA B 129 13.39 10.92 -38.18
C ALA B 129 12.10 10.75 -37.38
N ALA B 130 11.89 11.62 -36.40
CA ALA B 130 10.71 11.55 -35.54
C ALA B 130 9.45 12.08 -36.18
N ASP B 131 9.60 13.13 -36.97
CA ASP B 131 8.45 13.70 -37.62
C ASP B 131 7.91 12.85 -38.75
N LYS B 132 8.27 11.57 -38.73
CA LYS B 132 7.82 10.65 -39.76
C LYS B 132 7.70 9.28 -39.08
N LEU B 133 8.68 8.98 -38.24
CA LEU B 133 8.71 7.70 -37.51
C LEU B 133 7.46 7.60 -36.63
N PHE B 134 7.09 8.73 -36.00
CA PHE B 134 5.92 8.80 -35.12
C PHE B 134 4.71 9.37 -35.84
N ALA B 135 4.95 10.08 -36.94
CA ALA B 135 3.86 10.68 -37.73
C ALA B 135 3.06 9.58 -38.42
N GLN B 136 3.53 8.35 -38.29
CA GLN B 136 2.86 7.21 -38.89
C GLN B 136 2.81 6.09 -37.88
N ALA B 137 2.81 6.44 -36.60
CA ALA B 137 2.77 5.41 -35.56
C ALA B 137 1.43 5.43 -34.81
N ARG B 138 0.84 4.26 -34.58
CA ARG B 138 -0.44 4.19 -33.88
C ARG B 138 -0.33 4.90 -32.53
N PRO B 139 -1.47 5.30 -31.93
CA PRO B 139 -1.36 5.99 -30.64
C PRO B 139 -0.64 5.12 -29.60
N VAL B 140 0.17 5.75 -28.76
CA VAL B 140 0.91 5.01 -27.75
C VAL B 140 1.82 5.94 -26.91
N PHE B 141 2.33 5.38 -25.84
CA PHE B 141 3.23 6.10 -24.96
C PHE B 141 4.61 5.45 -25.01
N LEU B 142 5.62 6.25 -25.32
CA LEU B 142 6.98 5.77 -25.43
C LEU B 142 7.91 6.52 -24.50
N LEU B 143 8.89 5.79 -23.97
CA LEU B 143 9.89 6.38 -23.09
C LEU B 143 11.26 5.80 -23.45
N LEU B 144 11.99 6.48 -24.33
CA LEU B 144 13.31 6.03 -24.76
C LEU B 144 14.41 6.61 -23.89
N ALA B 145 15.55 5.93 -23.89
CA ALA B 145 16.67 6.39 -23.09
C ALA B 145 17.99 5.95 -23.71
N ASP B 146 19.02 6.75 -23.50
CA ASP B 146 20.36 6.45 -24.00
C ASP B 146 21.35 7.15 -23.06
N ALA B 147 22.63 6.81 -23.18
CA ALA B 147 23.69 7.38 -22.35
C ALA B 147 23.52 8.88 -22.18
N GLY B 148 23.05 9.54 -23.23
CA GLY B 148 22.85 10.99 -23.22
C GLY B 148 21.72 11.53 -22.36
N GLY B 149 20.60 10.80 -22.30
CA GLY B 149 19.46 11.23 -21.51
C GLY B 149 18.20 10.43 -21.79
N LEU B 150 17.05 11.06 -21.57
CA LEU B 150 15.75 10.41 -21.77
C LEU B 150 14.87 11.23 -22.70
N MSE B 151 13.86 10.56 -23.27
CA MSE B 151 12.93 11.18 -24.18
C MSE B 151 11.56 10.52 -24.11
O MSE B 151 11.45 9.30 -24.28
CB MSE B 151 13.44 11.06 -25.61
CG MSE B 151 12.34 11.34 -26.64
SE MSE B 151 12.89 11.13 -28.47
CE MSE B 151 12.23 9.32 -28.75
N GLN B 152 10.54 11.34 -23.88
CA GLN B 152 9.17 10.85 -23.78
C GLN B 152 8.40 11.25 -25.03
N VAL B 153 7.70 10.28 -25.64
CA VAL B 153 6.93 10.55 -26.87
C VAL B 153 5.47 10.10 -26.74
N GLU B 154 4.54 11.05 -26.84
CA GLU B 154 3.11 10.76 -26.75
C GLU B 154 2.44 10.87 -28.11
N ILE B 155 2.07 9.72 -28.68
CA ILE B 155 1.43 9.70 -29.99
C ILE B 155 -0.08 9.63 -29.86
N GLY B 156 -0.72 10.71 -30.29
CA GLY B 156 -2.17 10.79 -30.23
C GLY B 156 -2.91 10.24 -31.42
N GLN B 157 -4.16 10.68 -31.57
CA GLN B 157 -5.08 10.26 -32.64
C GLN B 157 -4.43 9.94 -33.98
N HIS B 158 -4.13 10.98 -34.76
CA HIS B 158 -3.53 10.82 -36.07
C HIS B 158 -2.38 11.77 -36.42
N GLY B 159 -1.15 11.33 -36.17
CA GLY B 159 0.02 12.14 -36.46
C GLY B 159 0.50 13.03 -35.32
N ARG B 160 -0.45 13.59 -34.57
CA ARG B 160 -0.15 14.47 -33.44
C ARG B 160 0.75 13.78 -32.38
N TYR B 161 1.86 14.41 -32.03
CA TYR B 161 2.74 13.82 -31.03
C TYR B 161 3.57 14.89 -30.36
N ARG B 162 3.75 14.75 -29.06
CA ARG B 162 4.55 15.71 -28.29
C ARG B 162 5.82 15.02 -27.76
N LEU B 163 6.92 15.75 -27.79
CA LEU B 163 8.22 15.26 -27.34
C LEU B 163 8.78 16.04 -26.15
N ILE B 164 9.51 15.33 -25.31
CA ILE B 164 10.14 15.92 -24.14
C ILE B 164 11.47 15.21 -23.94
N ARG B 165 12.53 15.99 -23.82
CA ARG B 165 13.87 15.45 -23.65
C ARG B 165 14.55 16.04 -22.47
N GLN B 166 14.74 15.22 -21.45
CA GLN B 166 15.41 15.66 -20.26
C GLN B 166 16.81 15.00 -20.28
N GLN B 167 17.80 15.71 -19.75
CA GLN B 167 19.16 15.20 -19.70
C GLN B 167 19.73 15.22 -18.30
N SER B 168 19.14 16.02 -17.43
CA SER B 168 19.65 16.10 -16.07
C SER B 168 18.51 16.25 -15.08
N GLY B 169 17.62 15.25 -15.08
CA GLY B 169 16.48 15.25 -14.19
C GLY B 169 15.76 13.92 -14.29
N THR B 170 14.47 13.93 -14.01
CA THR B 170 13.69 12.71 -14.05
C THR B 170 12.48 12.82 -14.96
N LEU B 171 11.89 11.67 -15.27
CA LEU B 171 10.73 11.66 -16.13
C LEU B 171 9.82 10.53 -15.66
N ALA B 172 8.55 10.62 -15.98
CA ALA B 172 7.59 9.58 -15.60
C ALA B 172 6.30 9.69 -16.42
N HIS B 173 5.68 8.54 -16.66
CA HIS B 173 4.47 8.48 -17.45
C HIS B 173 3.78 7.14 -17.22
N THR B 174 2.45 7.12 -17.34
CA THR B 174 1.70 5.88 -17.15
C THR B 174 0.83 5.58 -18.37
N ASN B 175 -0.48 5.54 -18.18
CA ASN B 175 -1.39 5.22 -19.27
C ASN B 175 -2.28 6.32 -19.80
N HIS B 176 -1.95 7.58 -19.55
CA HIS B 176 -2.76 8.65 -20.10
C HIS B 176 -1.92 9.85 -20.60
N TYR B 177 -2.45 10.53 -21.60
CA TYR B 177 -1.76 11.68 -22.16
C TYR B 177 -1.60 12.83 -21.18
N ALA B 178 -0.45 13.48 -21.21
CA ALA B 178 -0.20 14.65 -20.38
C ALA B 178 -0.70 15.82 -21.22
N ASP B 179 -0.48 15.75 -22.53
CA ASP B 179 -0.93 16.81 -23.45
C ASP B 179 -2.24 16.41 -24.15
N THR B 180 -3.36 16.91 -23.63
CA THR B 180 -4.65 16.58 -24.21
C THR B 180 -4.82 17.13 -25.62
N SER B 181 -3.94 18.02 -26.01
CA SER B 181 -4.01 18.63 -27.34
C SER B 181 -3.78 17.63 -28.47
N LEU B 182 -3.20 16.49 -28.12
CA LEU B 182 -2.89 15.43 -29.06
C LEU B 182 -4.07 14.48 -29.35
N LEU B 183 -5.28 14.87 -28.96
CA LEU B 183 -6.49 14.05 -29.18
C LEU B 183 -7.65 14.83 -29.78
N ASP B 184 -8.58 14.10 -30.39
CA ASP B 184 -9.77 14.71 -31.01
C ASP B 184 -10.81 15.14 -29.96
N GLY B 185 -10.76 14.53 -28.78
CA GLY B 185 -11.71 14.85 -27.72
C GLY B 185 -11.23 14.46 -26.34
N ALA B 186 -11.89 14.98 -25.30
CA ALA B 186 -11.54 14.68 -23.92
C ALA B 186 -11.31 13.17 -23.69
N GLN B 187 -10.19 12.83 -23.06
CA GLN B 187 -9.83 11.44 -22.78
C GLN B 187 -10.43 10.93 -21.49
N THR B 188 -10.27 9.63 -21.25
CA THR B 188 -10.77 8.96 -20.06
C THR B 188 -9.57 8.47 -19.26
N ILE B 189 -9.36 9.06 -18.10
CA ILE B 189 -8.25 8.66 -17.27
C ILE B 189 -8.67 7.54 -16.35
N GLY B 190 -7.96 6.43 -16.42
CA GLY B 190 -8.27 5.29 -15.57
C GLY B 190 -7.83 5.57 -14.15
N PRO B 191 -8.53 5.03 -13.14
CA PRO B 191 -8.15 5.27 -11.75
C PRO B 191 -6.74 4.81 -11.40
N SER B 192 -6.30 3.71 -12.01
CA SER B 192 -4.97 3.20 -11.72
C SER B 192 -3.90 4.08 -12.39
N SER B 193 -4.16 4.49 -13.62
CA SER B 193 -3.20 5.32 -14.32
C SER B 193 -3.00 6.62 -13.56
N GLN B 194 -4.07 7.07 -12.92
CA GLN B 194 -4.04 8.29 -12.14
C GLN B 194 -3.20 8.06 -10.92
N ALA B 195 -3.66 7.15 -10.06
CA ALA B 195 -2.96 6.85 -8.83
C ALA B 195 -1.50 6.49 -9.07
N ARG B 196 -1.22 5.59 -10.00
CA ARG B 196 0.16 5.17 -10.28
C ARG B 196 1.07 6.33 -10.69
N LEU B 197 0.52 7.27 -11.45
CA LEU B 197 1.29 8.41 -11.87
C LEU B 197 1.65 9.24 -10.66
N GLU B 198 0.69 9.44 -9.75
CA GLU B 198 0.97 10.23 -8.56
C GLU B 198 1.90 9.54 -7.55
N ARG B 199 2.10 8.24 -7.69
CA ARG B 199 2.95 7.52 -6.76
C ARG B 199 4.42 7.57 -7.17
N ILE B 200 4.74 7.21 -8.41
CA ILE B 200 6.14 7.26 -8.83
C ILE B 200 6.61 8.70 -8.92
N ARG B 201 5.67 9.63 -9.03
CA ARG B 201 6.01 11.04 -9.13
C ARG B 201 6.46 11.50 -7.75
N PHE B 202 5.70 11.12 -6.74
CA PHE B 202 6.00 11.46 -5.35
C PHE B 202 7.31 10.82 -4.90
N LEU B 203 7.35 9.50 -4.92
CA LEU B 203 8.53 8.74 -4.51
C LEU B 203 9.82 9.23 -5.16
N LEU B 204 9.74 9.57 -6.43
CA LEU B 204 10.87 10.07 -7.18
C LEU B 204 11.31 11.46 -6.70
N ASP B 205 10.34 12.31 -6.38
CA ASP B 205 10.64 13.67 -5.93
C ASP B 205 11.28 13.76 -4.55
N GLN B 206 11.44 12.63 -3.88
CA GLN B 206 12.07 12.64 -2.54
C GLN B 206 13.56 12.94 -2.60
N HIS B 207 14.30 12.16 -3.38
CA HIS B 207 15.75 12.34 -3.46
C HIS B 207 16.18 13.09 -4.71
N PRO B 208 17.38 13.68 -4.71
CA PRO B 208 17.84 14.40 -5.91
C PRO B 208 18.29 13.46 -7.02
N ALA B 209 19.10 12.47 -6.64
CA ALA B 209 19.66 11.49 -7.56
C ALA B 209 19.05 10.11 -7.30
N HIS B 210 19.18 9.20 -8.26
CA HIS B 210 18.62 7.87 -8.08
C HIS B 210 19.57 6.76 -8.54
N THR B 211 19.23 5.52 -8.22
CA THR B 211 20.05 4.38 -8.58
C THR B 211 19.17 3.23 -9.06
N LEU B 212 19.80 2.17 -9.58
CA LEU B 212 19.10 0.98 -10.08
C LEU B 212 18.46 0.25 -8.89
N SER B 213 19.28 0.07 -7.85
CA SER B 213 18.85 -0.58 -6.63
C SER B 213 17.59 0.08 -6.11
N GLU B 214 17.60 1.41 -6.08
CA GLU B 214 16.43 2.14 -5.60
C GLU B 214 15.21 1.78 -6.43
N PHE B 215 15.29 2.03 -7.74
CA PHE B 215 14.19 1.75 -8.65
C PHE B 215 13.56 0.38 -8.40
N GLU B 216 14.41 -0.66 -8.37
CA GLU B 216 13.95 -2.01 -8.11
C GLU B 216 13.03 -2.02 -6.89
N ARG B 217 13.40 -1.28 -5.85
CA ARG B 217 12.57 -1.23 -4.65
C ARG B 217 11.27 -0.51 -5.01
N LEU B 218 11.39 0.56 -5.80
CA LEU B 218 10.25 1.35 -6.23
C LEU B 218 9.22 0.55 -6.97
N SER B 219 9.65 -0.28 -7.93
CA SER B 219 8.70 -1.06 -8.70
C SER B 219 7.89 -2.05 -7.87
N ARG B 220 8.35 -2.34 -6.65
CA ARG B 220 7.62 -3.29 -5.82
C ARG B 220 6.72 -2.61 -4.77
N ASP B 221 6.53 -1.30 -4.90
CA ASP B 221 5.69 -0.57 -3.97
C ASP B 221 4.26 -1.13 -4.04
N ARG B 222 3.69 -1.45 -2.88
CA ARG B 222 2.32 -2.00 -2.79
C ARG B 222 1.39 -1.01 -2.06
N HIS B 223 1.56 0.27 -2.35
CA HIS B 223 0.76 1.33 -1.75
C HIS B 223 -0.55 1.44 -2.53
N ASP B 224 -1.65 1.70 -1.83
CA ASP B 224 -2.94 1.85 -2.49
C ASP B 224 -3.53 0.60 -3.16
N GLY B 225 -3.96 -0.35 -2.34
CA GLY B 225 -4.60 -1.55 -2.85
C GLY B 225 -3.85 -2.30 -3.92
N PRO B 226 -4.50 -3.34 -4.48
CA PRO B 226 -4.00 -4.23 -5.53
C PRO B 226 -4.20 -3.77 -6.97
N ASP B 227 -4.91 -2.66 -7.16
CA ASP B 227 -5.14 -2.17 -8.52
C ASP B 227 -4.52 -0.83 -8.79
N ASN B 228 -4.41 0.01 -7.75
CA ASN B 228 -3.86 1.34 -7.93
C ASN B 228 -2.40 1.41 -7.52
N SER B 229 -1.77 0.27 -7.32
CA SER B 229 -0.37 0.30 -6.91
C SER B 229 0.59 0.08 -8.06
N LEU B 230 1.85 0.48 -7.86
CA LEU B 230 2.86 0.31 -8.90
C LEU B 230 2.97 -1.17 -9.22
N TRP B 231 2.99 -1.99 -8.18
CA TRP B 231 3.07 -3.44 -8.35
C TRP B 231 1.66 -3.97 -8.10
N ARG B 232 0.85 -3.96 -9.15
CA ARG B 232 -0.54 -4.40 -9.12
C ARG B 232 -0.70 -5.88 -8.84
N SER B 233 -1.87 -6.27 -8.35
CA SER B 233 -2.17 -7.67 -8.09
C SER B 233 -3.68 -7.91 -8.00
N GLY B 234 -4.44 -7.15 -8.78
CA GLY B 234 -5.88 -7.30 -8.77
C GLY B 234 -6.38 -7.80 -10.11
N ARG B 235 -7.09 -6.94 -10.83
CA ARG B 235 -7.62 -7.27 -12.14
C ARG B 235 -6.40 -7.42 -13.05
N GLU B 236 -5.36 -6.67 -12.72
CA GLU B 236 -4.13 -6.68 -13.48
C GLU B 236 -2.95 -6.92 -12.55
N HIS B 237 -2.05 -7.80 -12.95
CA HIS B 237 -0.86 -8.08 -12.14
C HIS B 237 0.36 -7.50 -12.86
N THR B 238 1.40 -7.15 -12.11
CA THR B 238 2.61 -6.65 -12.76
C THR B 238 3.36 -7.91 -13.21
N LEU B 239 3.32 -8.18 -14.51
CA LEU B 239 3.93 -9.37 -15.05
C LEU B 239 5.46 -9.32 -15.24
N ALA B 240 6.05 -8.16 -15.01
CA ALA B 240 7.47 -8.04 -15.17
C ALA B 240 7.91 -6.69 -14.64
N GLY B 241 9.19 -6.59 -14.29
CA GLY B 241 9.72 -5.32 -13.83
C GLY B 241 10.96 -5.10 -14.67
N TRP B 242 11.00 -4.03 -15.43
CA TRP B 242 12.16 -3.72 -16.28
C TRP B 242 12.93 -2.48 -15.80
N ARG B 243 14.25 -2.60 -15.75
CA ARG B 243 15.10 -1.50 -15.31
C ARG B 243 16.47 -1.65 -15.95
N ILE B 244 17.01 -0.56 -16.49
CA ILE B 244 18.32 -0.61 -17.14
C ILE B 244 19.13 0.65 -16.81
N ALA B 245 20.46 0.50 -16.70
CA ALA B 245 21.35 1.64 -16.44
C ALA B 245 22.24 1.81 -17.67
N LEU B 246 22.46 3.05 -18.10
CA LEU B 246 23.29 3.27 -19.29
C LEU B 246 24.43 4.27 -19.05
N PRO B 247 25.51 3.80 -18.40
CA PRO B 247 26.66 4.67 -18.12
C PRO B 247 27.46 4.93 -19.40
N ALA B 248 27.92 6.15 -19.58
CA ALA B 248 28.67 6.50 -20.76
C ALA B 248 30.00 5.76 -20.84
N GLY B 249 30.32 5.30 -22.05
CA GLY B 249 31.56 4.58 -22.28
C GLY B 249 31.72 3.29 -21.51
N ALA B 250 30.60 2.62 -21.26
CA ALA B 250 30.64 1.37 -20.51
C ALA B 250 29.44 0.55 -20.91
N PRO B 251 29.54 -0.78 -20.75
CA PRO B 251 28.45 -1.71 -21.09
C PRO B 251 27.17 -1.39 -20.34
N PRO B 252 26.02 -1.46 -21.03
CA PRO B 252 24.75 -1.18 -20.37
C PRO B 252 24.44 -2.32 -19.42
N ARG B 253 23.74 -2.05 -18.31
CA ARG B 253 23.38 -3.12 -17.39
C ARG B 253 21.86 -3.28 -17.30
N LEU B 254 21.37 -4.47 -17.63
CA LEU B 254 19.93 -4.74 -17.60
C LEU B 254 19.48 -5.69 -16.50
N GLN B 255 18.41 -5.33 -15.81
CA GLN B 255 17.87 -6.21 -14.79
C GLN B 255 16.38 -6.33 -15.08
N LEU B 256 15.87 -7.56 -15.07
CA LEU B 256 14.46 -7.84 -15.36
C LEU B 256 13.86 -8.86 -14.41
N THR B 257 12.63 -8.60 -13.96
CA THR B 257 11.96 -9.55 -13.09
C THR B 257 10.73 -10.11 -13.80
N LEU B 258 10.79 -11.36 -14.27
CA LEU B 258 9.64 -11.95 -14.95
C LEU B 258 8.71 -12.65 -13.98
N ALA B 259 7.43 -12.34 -14.11
CA ALA B 259 6.41 -12.96 -13.28
C ALA B 259 5.30 -13.50 -14.18
N ASN B 260 5.54 -14.65 -14.80
CA ASN B 260 4.52 -15.26 -15.64
C ASN B 260 3.59 -15.99 -14.70
N PRO B 261 2.27 -15.80 -14.88
CA PRO B 261 1.26 -16.43 -14.05
C PRO B 261 1.41 -17.94 -14.01
N GLY B 262 1.34 -18.51 -12.81
CA GLY B 262 1.49 -19.94 -12.66
C GLY B 262 2.91 -20.36 -12.35
N ARG B 263 3.87 -19.66 -12.94
CA ARG B 263 5.28 -19.95 -12.70
C ARG B 263 5.80 -19.14 -11.52
N ALA B 264 7.01 -19.45 -11.07
CA ALA B 264 7.61 -18.73 -9.95
C ALA B 264 8.35 -17.55 -10.57
N GLU B 265 8.73 -16.59 -9.73
CA GLU B 265 9.45 -15.44 -10.25
C GLU B 265 10.86 -15.78 -10.72
N ARG B 266 11.25 -15.21 -11.87
CA ARG B 266 12.60 -15.43 -12.43
C ARG B 266 13.22 -14.04 -12.62
N ASP B 267 14.49 -13.89 -12.23
CA ASP B 267 15.17 -12.59 -12.35
C ASP B 267 16.40 -12.55 -13.25
N GLY B 268 16.44 -11.55 -14.11
CA GLY B 268 17.54 -11.40 -15.03
C GLY B 268 18.48 -10.26 -14.71
N ASP B 269 19.77 -10.51 -14.91
CA ASP B 269 20.80 -9.50 -14.67
C ASP B 269 21.89 -9.68 -15.72
N TYR B 270 21.90 -8.81 -16.73
CA TYR B 270 22.90 -8.92 -17.79
C TYR B 270 23.73 -7.66 -18.02
N ALA B 271 24.87 -7.84 -18.69
CA ALA B 271 25.75 -6.74 -19.06
C ALA B 271 25.86 -6.78 -20.59
N LEU B 272 25.17 -5.83 -21.23
CA LEU B 272 25.17 -5.75 -22.68
C LEU B 272 26.51 -5.29 -23.27
N ASP B 273 27.53 -6.15 -23.17
CA ASP B 273 28.84 -5.84 -23.74
C ASP B 273 28.96 -6.49 -25.12
N SER B 274 30.11 -6.31 -25.76
CA SER B 274 30.37 -6.85 -27.09
C SER B 274 30.08 -8.33 -27.17
N ALA B 275 30.54 -9.02 -26.14
CA ALA B 275 30.37 -10.45 -26.00
C ALA B 275 28.88 -10.81 -25.92
N PHE B 276 28.17 -10.16 -25.01
CA PHE B 276 26.73 -10.43 -24.84
C PHE B 276 26.03 -10.48 -26.19
N TRP B 277 26.16 -9.40 -26.96
CA TRP B 277 25.54 -9.24 -28.26
C TRP B 277 26.06 -10.21 -29.30
N ALA B 278 27.19 -10.81 -29.02
CA ALA B 278 27.77 -11.75 -29.97
C ALA B 278 27.11 -13.12 -29.84
N GLN B 279 26.53 -13.42 -28.67
CA GLN B 279 25.89 -14.73 -28.50
C GLN B 279 24.73 -14.89 -29.48
N PRO B 280 24.39 -16.14 -29.81
CA PRO B 280 23.29 -16.43 -30.74
C PRO B 280 21.95 -15.96 -30.23
N ALA B 281 21.05 -15.69 -31.17
CA ALA B 281 19.71 -15.24 -30.82
C ALA B 281 18.97 -16.38 -30.16
N ARG B 282 18.42 -16.13 -28.97
CA ARG B 282 17.69 -17.16 -28.26
C ARG B 282 17.02 -16.59 -27.03
N THR B 283 16.13 -17.37 -26.41
CA THR B 283 15.45 -16.87 -25.22
C THR B 283 16.37 -16.90 -24.01
N LEU B 284 16.41 -15.82 -23.24
CA LEU B 284 17.26 -15.74 -22.06
C LEU B 284 16.41 -15.60 -20.78
N LEU B 285 15.12 -15.84 -20.88
CA LEU B 285 14.24 -15.72 -19.73
C LEU B 285 12.83 -16.10 -20.17
N PRO B 286 12.26 -17.15 -19.57
CA PRO B 286 12.90 -17.94 -18.53
C PRO B 286 13.88 -18.93 -19.16
N LYS B 287 14.91 -19.29 -18.41
CA LYS B 287 15.95 -20.20 -18.88
C LYS B 287 15.35 -21.47 -19.47
#